data_5MBK
#
_entry.id   5MBK
#
_cell.length_a   69.600
_cell.length_b   143.360
_cell.length_c   57.480
_cell.angle_alpha   90.000
_cell.angle_beta   135.910
_cell.angle_gamma   90.000
#
_symmetry.space_group_name_H-M   'C 1 2 1'
#
loop_
_entity.id
_entity.type
_entity.pdbx_description
1 polymer 'Beta subunit of photoactivated adenylyl cyclase'
2 non-polymer "ADENOSINE-5'-TRIPHOSPHATE"
3 non-polymer 'MAGNESIUM ION'
4 water water
#
_entity_poly.entity_id   1
_entity_poly.type   'polypeptide(L)'
_entity_poly.pdbx_seq_one_letter_code
;GSHMMKRLVFISKISGHLSLEEIQRIGKVSIKNNQRDNITGVLLYLQGLFFQILEGENEKVDKLYKKILVDDRHTNILCL
KTEYDITDRMFPNWAMKTINLNENSELMIQPIKSLLQTITQSHRVLEKYMPARVIYLINQGINPLTVEPQLVEKIIFFSD
ILAFSTLTEKLPVNEVVILVNRYFSICTRIISAYGGEVTKFIGDCVMASFTKEQGDAAIRTSLDIISELKQLRHHVEATN
PLHLLYTGIGLSYGHVIEGNMGSSLKMDHTLLGDAVNVAARLEALTRQLPYALAFTAGVKKCCQAQWTFINLGAHQVKGK
QEAIEVYTVNEAQKYYDTLQITQLIRQTLENDK
;
_entity_poly.pdbx_strand_id   A
#
# COMPACT_ATOMS: atom_id res chain seq x y z
N MET A 5 11.53 6.14 -28.92
CA MET A 5 11.74 7.24 -27.98
C MET A 5 10.68 7.25 -26.88
N LYS A 6 11.04 7.73 -25.68
CA LYS A 6 10.07 8.05 -24.63
C LYS A 6 10.73 8.89 -23.53
N ARG A 7 9.96 9.80 -22.93
CA ARG A 7 10.39 10.66 -21.84
C ARG A 7 9.68 10.25 -20.55
N LEU A 8 10.37 10.37 -19.40
CA LEU A 8 9.74 10.12 -18.11
C LEU A 8 10.35 11.02 -17.03
N VAL A 9 9.52 11.34 -16.02
CA VAL A 9 9.81 12.31 -14.96
C VAL A 9 9.53 11.70 -13.59
N PHE A 10 10.32 12.07 -12.58
CA PHE A 10 9.98 11.66 -11.22
C PHE A 10 10.50 12.67 -10.19
N ILE A 11 9.95 12.57 -8.96
CA ILE A 11 10.41 13.35 -7.81
C ILE A 11 10.78 12.36 -6.68
N SER A 12 11.57 12.87 -5.72
CA SER A 12 12.38 12.04 -4.81
C SER A 12 12.71 12.83 -3.54
N LYS A 13 13.24 12.12 -2.54
CA LYS A 13 13.53 12.69 -1.22
C LYS A 13 14.98 12.45 -0.84
N ILE A 14 15.30 12.97 0.36
CA ILE A 14 16.65 12.92 0.91
C ILE A 14 16.87 11.55 1.56
N SER A 15 17.92 10.85 1.12
CA SER A 15 18.27 9.54 1.67
C SER A 15 19.77 9.56 1.94
N GLY A 16 20.13 9.91 3.19
CA GLY A 16 21.51 9.99 3.63
C GLY A 16 21.96 11.44 3.65
N HIS A 17 23.27 11.67 3.54
CA HIS A 17 23.82 13.01 3.32
C HIS A 17 25.36 12.95 3.21
N SER A 19 25.75 16.05 0.55
CA SER A 19 27.11 16.54 0.41
C SER A 19 27.31 17.29 -0.91
N LEU A 20 27.87 18.50 -0.81
CA LEU A 20 28.17 19.41 -1.93
C LEU A 20 28.73 18.71 -3.16
N GLU A 21 29.37 17.57 -2.91
CA GLU A 21 30.09 16.82 -3.94
C GLU A 21 29.16 15.87 -4.69
N GLU A 22 28.67 14.83 -3.98
CA GLU A 22 28.20 13.60 -4.60
C GLU A 22 27.13 13.85 -5.67
N ILE A 23 26.45 15.00 -5.65
CA ILE A 23 25.71 15.40 -6.83
C ILE A 23 26.56 15.18 -8.06
N GLN A 24 27.80 15.71 -8.03
CA GLN A 24 28.73 15.62 -9.15
C GLN A 24 29.03 14.16 -9.52
N ARG A 25 29.01 13.25 -8.54
CA ARG A 25 29.11 11.82 -8.84
C ARG A 25 28.04 11.41 -9.84
N ILE A 26 26.78 11.34 -9.38
CA ILE A 26 25.67 11.00 -10.28
C ILE A 26 25.51 12.02 -11.42
N GLY A 27 26.09 13.22 -11.29
CA GLY A 27 26.24 14.10 -12.43
C GLY A 27 27.22 13.55 -13.46
N LYS A 28 28.52 13.62 -13.14
CA LYS A 28 29.59 13.03 -13.95
C LYS A 28 29.23 11.67 -14.55
N VAL A 29 28.65 10.79 -13.71
CA VAL A 29 28.34 9.41 -14.11
C VAL A 29 27.24 9.38 -15.16
N SER A 30 26.07 9.96 -14.85
CA SER A 30 25.00 9.98 -15.83
C SER A 30 25.39 10.77 -17.07
N ILE A 31 26.29 11.75 -16.92
CA ILE A 31 26.78 12.52 -18.06
C ILE A 31 27.51 11.61 -19.05
N LYS A 32 28.50 10.85 -18.58
CA LYS A 32 29.21 9.92 -19.47
C LYS A 32 28.36 8.68 -19.75
N ASN A 33 27.61 8.20 -18.76
CA ASN A 33 26.75 7.02 -18.95
C ASN A 33 25.68 7.29 -20.00
N ASN A 34 24.96 8.40 -19.87
CA ASN A 34 23.84 8.62 -20.78
C ASN A 34 24.26 8.98 -22.18
N GLN A 35 25.55 9.30 -22.43
CA GLN A 35 26.00 9.55 -23.78
C GLN A 35 26.43 8.28 -24.50
N ARG A 36 26.89 7.26 -23.76
CA ARG A 36 27.01 5.93 -24.33
C ARG A 36 25.65 5.39 -24.74
N ASP A 37 24.58 5.82 -24.06
CA ASP A 37 23.22 5.37 -24.31
C ASP A 37 22.30 6.44 -24.87
N ASN A 38 22.79 7.68 -25.00
CA ASN A 38 22.10 8.80 -25.66
C ASN A 38 20.69 9.07 -25.12
N ILE A 39 20.65 9.46 -23.83
CA ILE A 39 19.45 10.01 -23.22
C ILE A 39 19.78 11.40 -22.70
N THR A 40 18.79 12.26 -22.71
CA THR A 40 18.94 13.63 -22.29
C THR A 40 17.94 13.94 -21.17
N GLY A 41 18.32 14.84 -20.26
CA GLY A 41 17.48 15.13 -19.11
C GLY A 41 18.08 16.14 -18.14
N VAL A 42 17.32 16.42 -17.09
CA VAL A 42 17.65 17.50 -16.17
C VAL A 42 17.44 17.04 -14.72
N LEU A 43 18.37 17.37 -13.84
CA LEU A 43 18.24 17.12 -12.42
C LEU A 43 18.14 18.44 -11.66
N LEU A 44 17.06 18.62 -10.93
CA LEU A 44 16.87 19.83 -10.14
C LEU A 44 16.78 19.44 -8.69
N TYR A 45 17.31 20.30 -7.85
CA TYR A 45 17.31 20.05 -6.43
C TYR A 45 16.90 21.33 -5.73
N LEU A 46 16.03 21.19 -4.74
CA LEU A 46 15.62 22.35 -3.97
C LEU A 46 15.08 21.90 -2.63
N GLN A 47 15.56 22.52 -1.55
CA GLN A 47 15.09 22.31 -0.18
C GLN A 47 14.85 20.81 0.04
N GLY A 48 15.88 20.02 -0.20
CA GLY A 48 15.75 18.59 -0.05
C GLY A 48 14.61 17.94 -0.83
N LEU A 49 14.50 18.25 -2.11
CA LEU A 49 13.70 17.47 -3.04
C LEU A 49 14.46 17.41 -4.36
N PHE A 50 14.38 16.26 -5.01
CA PHE A 50 14.95 16.04 -6.32
C PHE A 50 13.85 15.95 -7.38
N PHE A 51 14.22 16.33 -8.61
CA PHE A 51 13.31 16.25 -9.73
C PHE A 51 14.15 15.89 -10.94
N GLN A 52 13.71 14.91 -11.72
CA GLN A 52 14.53 14.54 -12.85
C GLN A 52 13.67 14.21 -14.06
N ILE A 53 14.12 14.67 -15.22
CA ILE A 53 13.54 14.28 -16.50
C ILE A 53 14.58 13.45 -17.24
N LEU A 54 14.10 12.49 -18.04
CA LEU A 54 14.97 11.57 -18.79
C LEU A 54 14.50 11.27 -20.22
N GLU A 57 15.21 7.46 -26.45
CA GLU A 57 15.00 6.07 -26.85
C GLU A 57 13.81 5.51 -26.01
N ASN A 58 13.48 4.21 -26.10
CA ASN A 58 12.40 3.55 -25.35
C ASN A 58 12.86 2.39 -24.44
N GLU A 59 13.89 1.61 -24.83
CA GLU A 59 14.32 0.43 -24.06
C GLU A 59 15.38 0.77 -23.00
N LYS A 60 16.47 1.45 -23.44
CA LYS A 60 17.66 1.71 -22.63
C LYS A 60 17.39 2.65 -21.45
N VAL A 61 16.33 3.45 -21.53
CA VAL A 61 15.98 4.37 -20.45
C VAL A 61 15.37 3.59 -19.28
N ASP A 62 15.04 2.31 -19.50
CA ASP A 62 14.53 1.50 -18.40
C ASP A 62 15.63 0.75 -17.66
N LYS A 63 16.70 0.37 -18.36
CA LYS A 63 17.90 -0.05 -17.64
C LYS A 63 18.35 1.05 -16.67
N LEU A 64 18.19 2.31 -17.06
CA LEU A 64 18.57 3.44 -16.21
C LEU A 64 17.57 3.65 -15.07
N TYR A 65 16.26 3.58 -15.35
CA TYR A 65 15.30 3.77 -14.27
C TYR A 65 15.44 2.64 -13.24
N LYS A 66 15.45 1.38 -13.71
CA LYS A 66 15.63 0.26 -12.80
C LYS A 66 16.88 0.42 -11.94
N LYS A 67 17.89 1.12 -12.45
CA LYS A 67 19.00 1.54 -11.60
C LYS A 67 18.58 2.66 -10.65
N ILE A 68 17.77 3.60 -11.15
CA ILE A 68 17.50 4.82 -10.39
C ILE A 68 16.74 4.52 -9.10
N LEU A 69 15.68 3.69 -9.19
CA LEU A 69 14.94 3.40 -7.97
C LEU A 69 15.82 2.60 -7.00
N VAL A 70 16.49 1.56 -7.50
CA VAL A 70 17.40 0.79 -6.66
C VAL A 70 18.55 1.66 -6.15
N ASP A 71 18.83 2.78 -6.82
CA ASP A 71 19.75 3.76 -6.27
C ASP A 71 19.21 4.26 -4.93
N ASP A 72 20.07 4.27 -3.92
CA ASP A 72 19.68 4.55 -2.55
C ASP A 72 20.02 5.97 -2.12
N ARG A 73 20.59 6.78 -2.99
CA ARG A 73 20.84 8.16 -2.62
C ARG A 73 19.54 8.96 -2.44
N HIS A 74 18.39 8.37 -2.79
CA HIS A 74 17.10 9.03 -2.64
C HIS A 74 16.06 7.99 -2.23
N THR A 75 15.08 8.40 -1.43
CA THR A 75 13.94 7.54 -1.12
C THR A 75 12.66 8.26 -1.50
N ASN A 76 11.57 7.48 -1.53
CA ASN A 76 10.23 8.01 -1.78
C ASN A 76 10.09 8.50 -3.24
N ILE A 77 10.32 7.56 -4.18
CA ILE A 77 10.36 7.84 -5.61
C ILE A 77 8.98 7.64 -6.21
N LEU A 78 8.51 8.65 -6.94
CA LEU A 78 7.22 8.59 -7.61
C LEU A 78 7.40 9.10 -9.03
N CYS A 79 7.15 8.24 -10.02
CA CYS A 79 7.22 8.64 -11.43
C CYS A 79 5.92 9.35 -11.77
N LEU A 80 5.99 10.69 -11.80
CA LEU A 80 4.80 11.51 -12.02
C LEU A 80 4.26 11.33 -13.42
N LYS A 81 5.14 11.24 -14.41
CA LYS A 81 4.74 11.36 -15.80
C LYS A 81 5.55 10.39 -16.65
N THR A 82 4.99 10.01 -17.79
CA THR A 82 5.65 9.21 -18.81
C THR A 82 4.99 9.54 -20.13
N GLU A 83 5.81 9.85 -21.13
CA GLU A 83 5.36 10.07 -22.50
C GLU A 83 6.00 8.99 -23.37
N TYR A 84 5.26 8.49 -24.35
CA TYR A 84 5.65 7.32 -25.11
C TYR A 84 5.71 7.63 -26.60
N ASP A 85 6.72 7.07 -27.27
CA ASP A 85 7.05 7.41 -28.65
C ASP A 85 6.97 8.92 -28.88
N ILE A 86 7.84 9.69 -28.21
CA ILE A 86 7.98 11.11 -28.52
C ILE A 86 8.84 11.27 -29.76
N THR A 87 8.79 12.47 -30.33
CA THR A 87 9.43 12.85 -31.59
C THR A 87 10.67 13.72 -31.40
N ASP A 88 10.53 14.80 -30.62
CA ASP A 88 11.62 15.70 -30.29
C ASP A 88 11.91 15.56 -28.80
N ARG A 89 13.18 15.35 -28.47
CA ARG A 89 13.64 15.47 -27.09
C ARG A 89 13.43 16.89 -26.59
N MET A 90 13.28 17.00 -25.26
CA MET A 90 13.13 18.30 -24.63
C MET A 90 14.48 18.94 -24.36
N PHE A 91 15.54 18.15 -24.12
CA PHE A 91 16.86 18.69 -23.75
C PHE A 91 17.98 18.03 -24.57
N PRO A 92 18.03 18.35 -25.87
CA PRO A 92 18.91 17.53 -26.76
C PRO A 92 20.38 17.53 -26.38
N ASN A 93 20.97 18.68 -26.06
CA ASN A 93 22.42 18.77 -25.82
C ASN A 93 22.82 18.44 -24.39
N TRP A 94 21.87 18.24 -23.47
CA TRP A 94 22.16 17.98 -22.07
C TRP A 94 22.07 16.48 -21.81
N ALA A 95 23.21 15.84 -21.61
CA ALA A 95 23.19 14.45 -21.19
C ALA A 95 22.59 14.32 -19.80
N MET A 96 22.97 15.23 -18.89
CA MET A 96 22.27 15.39 -17.62
C MET A 96 22.70 16.74 -17.03
N LYS A 97 21.84 17.75 -17.19
CA LYS A 97 22.10 19.07 -16.62
C LYS A 97 21.60 19.09 -15.19
N THR A 98 22.49 19.40 -14.26
CA THR A 98 22.13 19.47 -12.86
C THR A 98 21.91 20.91 -12.47
N ILE A 99 20.77 21.18 -11.85
CA ILE A 99 20.42 22.53 -11.49
C ILE A 99 20.09 22.56 -10.00
N ASN A 100 20.84 23.34 -9.27
CA ASN A 100 20.70 23.48 -7.82
C ASN A 100 19.97 24.78 -7.58
N LEU A 101 18.66 24.71 -7.39
CA LEU A 101 17.86 25.91 -7.19
C LEU A 101 17.94 26.47 -5.78
N ASN A 102 18.71 25.84 -4.88
CA ASN A 102 19.06 26.54 -3.65
C ASN A 102 20.14 27.60 -3.88
N GLU A 103 21.00 27.42 -4.87
CA GLU A 103 22.06 28.39 -5.13
C GLU A 103 21.62 29.59 -5.98
N ASN A 104 20.43 29.53 -6.58
CA ASN A 104 19.96 30.59 -7.47
C ASN A 104 19.24 31.64 -6.65
N SER A 105 19.77 32.85 -6.65
CA SER A 105 19.14 33.92 -5.86
C SER A 105 18.62 35.04 -6.73
N GLU A 106 18.61 34.87 -8.06
CA GLU A 106 18.00 35.85 -8.95
C GLU A 106 16.61 36.22 -8.44
N LEU A 107 16.25 37.49 -8.57
CA LEU A 107 15.00 37.95 -7.99
C LEU A 107 13.78 37.45 -8.76
N MET A 108 13.93 37.25 -10.07
CA MET A 108 12.79 36.84 -10.90
C MET A 108 12.62 35.32 -10.98
N ILE A 109 13.54 34.55 -10.38
CA ILE A 109 13.35 33.11 -10.31
C ILE A 109 12.74 32.68 -8.97
N GLN A 110 12.88 33.51 -7.92
CA GLN A 110 12.31 33.16 -6.63
C GLN A 110 10.83 32.82 -6.69
N PRO A 111 9.95 33.56 -7.41
CA PRO A 111 8.55 33.16 -7.53
C PRO A 111 8.40 31.73 -8.01
N ILE A 112 8.92 31.44 -9.22
CA ILE A 112 8.83 30.08 -9.78
C ILE A 112 9.48 29.10 -8.82
N LYS A 113 10.50 29.55 -8.09
CA LYS A 113 11.14 28.69 -7.12
C LYS A 113 10.23 28.45 -5.92
N SER A 114 9.46 29.45 -5.49
CA SER A 114 8.68 29.30 -4.28
C SER A 114 7.42 28.48 -4.54
N LEU A 115 6.76 28.75 -5.66
CA LEU A 115 5.62 27.93 -6.07
C LEU A 115 6.01 26.46 -6.21
N LEU A 116 7.03 26.17 -7.00
CA LEU A 116 7.54 24.81 -7.16
C LEU A 116 7.69 24.15 -5.80
N GLN A 117 8.34 24.85 -4.87
CA GLN A 117 8.47 24.32 -3.53
C GLN A 117 7.11 24.06 -2.92
N THR A 118 6.21 25.02 -3.04
CA THR A 118 4.97 24.91 -2.31
C THR A 118 4.06 23.86 -2.89
N ILE A 119 3.98 23.75 -4.21
CA ILE A 119 3.08 22.76 -4.78
C ILE A 119 3.65 21.36 -4.65
N THR A 120 4.96 21.23 -4.67
CA THR A 120 5.53 19.89 -4.60
C THR A 120 5.36 19.33 -3.21
N GLN A 121 5.59 20.15 -2.18
CA GLN A 121 5.41 19.71 -0.80
C GLN A 121 3.94 19.36 -0.51
N SER A 122 3.00 20.17 -1.01
CA SER A 122 1.60 19.82 -0.90
C SER A 122 1.32 18.47 -1.57
N HIS A 123 1.85 18.28 -2.79
CA HIS A 123 1.65 17.06 -3.55
C HIS A 123 2.08 15.84 -2.76
N ARG A 124 3.17 15.95 -2.00
CA ARG A 124 3.66 14.80 -1.27
C ARG A 124 2.81 14.53 -0.06
N VAL A 125 2.21 15.57 0.51
CA VAL A 125 1.22 15.32 1.55
C VAL A 125 -0.01 14.62 0.96
N LEU A 126 -0.43 15.02 -0.22
CA LEU A 126 -1.61 14.32 -0.76
C LEU A 126 -1.33 12.85 -1.08
N GLU A 127 -0.11 12.48 -1.50
CA GLU A 127 0.16 11.08 -1.85
C GLU A 127 -0.14 10.16 -0.69
N LYS A 128 0.03 10.66 0.54
CA LYS A 128 -0.29 9.88 1.76
C LYS A 128 -1.78 9.56 1.88
N TYR A 129 -2.63 10.18 1.10
CA TYR A 129 -4.02 9.80 1.19
C TYR A 129 -4.48 8.99 0.00
N MET A 130 -3.61 8.75 -0.97
CA MET A 130 -4.02 8.09 -2.21
C MET A 130 -4.14 6.56 -2.03
N PRO A 131 -5.15 5.95 -2.66
CA PRO A 131 -5.12 4.50 -2.89
C PRO A 131 -3.85 4.06 -3.61
N ALA A 132 -3.27 2.97 -3.11
CA ALA A 132 -2.08 2.37 -3.70
C ALA A 132 -2.27 2.06 -5.18
N ARG A 133 -3.50 1.76 -5.59
CA ARG A 133 -3.74 1.45 -6.99
C ARG A 133 -3.68 2.71 -7.86
N VAL A 134 -4.05 3.87 -7.31
CA VAL A 134 -3.91 5.12 -8.05
C VAL A 134 -2.44 5.51 -8.17
N ILE A 135 -1.68 5.34 -7.08
CA ILE A 135 -0.25 5.60 -7.12
C ILE A 135 0.45 4.66 -8.09
N TYR A 136 -0.02 3.40 -8.15
CA TYR A 136 0.60 2.46 -9.08
C TYR A 136 0.31 2.87 -10.52
N LEU A 137 -0.95 3.23 -10.80
CA LEU A 137 -1.28 3.76 -12.11
C LEU A 137 -0.38 4.93 -12.50
N ILE A 138 -0.29 5.93 -11.61
CA ILE A 138 0.51 7.13 -11.87
C ILE A 138 1.94 6.76 -12.22
N ASN A 139 2.57 5.90 -11.41
CA ASN A 139 3.94 5.44 -11.65
C ASN A 139 4.08 4.79 -13.03
N GLN A 140 3.04 4.11 -13.50
CA GLN A 140 3.03 3.47 -14.82
C GLN A 140 2.77 4.46 -15.94
N GLY A 141 2.57 5.74 -15.62
CA GLY A 141 2.28 6.71 -16.65
C GLY A 141 0.84 6.71 -17.13
N ILE A 142 -0.05 6.04 -16.43
CA ILE A 142 -1.47 6.01 -16.79
C ILE A 142 -2.20 7.10 -16.02
N ASN A 143 -3.07 7.81 -16.72
CA ASN A 143 -3.92 8.79 -16.07
C ASN A 143 -4.99 8.08 -15.24
N PRO A 144 -4.93 8.17 -13.90
CA PRO A 144 -5.82 7.32 -13.08
C PRO A 144 -7.25 7.75 -13.07
N LEU A 145 -7.57 8.95 -13.58
CA LEU A 145 -8.93 9.48 -13.66
C LEU A 145 -9.65 9.11 -14.93
N THR A 146 -8.96 8.60 -15.95
CA THR A 146 -9.63 8.20 -17.17
C THR A 146 -9.55 6.71 -17.44
N VAL A 147 -8.89 5.94 -16.57
CA VAL A 147 -8.89 4.50 -16.77
C VAL A 147 -10.34 4.04 -16.83
N GLU A 148 -10.58 3.16 -17.63
CA GLU A 148 -11.93 2.65 -17.64
C GLU A 148 -12.04 1.44 -16.69
N PRO A 149 -13.16 1.35 -16.00
CA PRO A 149 -13.34 0.28 -15.02
C PRO A 149 -13.32 -1.08 -15.71
N GLN A 150 -12.66 -2.05 -15.08
CA GLN A 150 -12.56 -3.38 -15.65
C GLN A 150 -13.02 -4.41 -14.62
N LEU A 151 -13.64 -5.48 -15.11
CA LEU A 151 -13.97 -6.63 -14.27
C LEU A 151 -12.69 -7.45 -14.07
N VAL A 152 -12.24 -7.63 -12.84
CA VAL A 152 -11.08 -8.46 -12.56
C VAL A 152 -11.40 -9.52 -11.49
N GLU A 153 -10.54 -10.52 -11.43
CA GLU A 153 -10.68 -11.58 -10.45
C GLU A 153 -9.81 -11.26 -9.24
N LYS A 154 -10.36 -11.42 -8.04
CA LYS A 154 -9.62 -11.01 -6.86
C LYS A 154 -9.98 -11.95 -5.71
N ILE A 155 -9.01 -12.09 -4.84
CA ILE A 155 -9.24 -12.61 -3.51
C ILE A 155 -9.44 -11.36 -2.70
N ILE A 156 -10.52 -11.29 -1.94
CA ILE A 156 -10.81 -10.10 -1.17
C ILE A 156 -10.50 -10.44 0.28
N PHE A 157 -9.88 -9.51 0.96
CA PHE A 157 -9.36 -9.69 2.29
C PHE A 157 -10.03 -8.64 3.18
N PHE A 158 -10.50 -9.08 4.34
CA PHE A 158 -11.09 -8.22 5.35
C PHE A 158 -10.50 -8.62 6.69
N SER A 159 -10.04 -7.64 7.46
CA SER A 159 -9.56 -7.96 8.78
C SER A 159 -10.02 -6.84 9.68
N ASP A 160 -10.27 -7.19 10.93
CA ASP A 160 -11.18 -6.44 11.77
C ASP A 160 -10.88 -6.74 13.22
N ILE A 161 -10.89 -5.71 14.08
CA ILE A 161 -10.46 -5.88 15.47
C ILE A 161 -11.61 -6.44 16.31
N LEU A 162 -11.29 -7.44 17.13
CA LEU A 162 -12.27 -8.07 18.01
C LEU A 162 -12.68 -7.09 19.09
N ALA A 163 -13.99 -6.82 19.19
CA ALA A 163 -14.56 -6.03 20.29
C ALA A 163 -13.87 -4.67 20.41
N PHE A 164 -13.64 -4.02 19.27
CA PHE A 164 -13.01 -2.70 19.30
C PHE A 164 -13.80 -1.69 20.14
N SER A 165 -15.15 -1.71 20.09
CA SER A 165 -15.94 -0.78 20.91
C SER A 165 -15.61 -0.91 22.37
N THR A 166 -15.67 -2.14 22.87
CA THR A 166 -15.36 -2.45 24.25
C THR A 166 -13.91 -2.13 24.59
N LEU A 167 -12.99 -2.47 23.68
CA LEU A 167 -11.57 -2.30 23.98
C LEU A 167 -11.18 -0.82 24.10
N THR A 168 -11.89 0.05 23.37
CA THR A 168 -11.58 1.47 23.34
C THR A 168 -12.60 2.31 24.09
N GLU A 169 -13.71 1.71 24.55
CA GLU A 169 -14.81 2.49 25.11
C GLU A 169 -14.39 3.31 26.32
N LYS A 170 -13.29 2.94 26.98
CA LYS A 170 -12.77 3.67 28.13
C LYS A 170 -11.44 4.37 27.87
N LEU A 171 -10.82 4.16 26.70
CA LEU A 171 -9.54 4.78 26.38
C LEU A 171 -9.68 6.26 26.04
N PRO A 172 -8.65 7.06 26.28
CA PRO A 172 -8.65 8.43 25.77
C PRO A 172 -8.37 8.44 24.27
N VAL A 173 -8.83 9.53 23.62
CA VAL A 173 -8.78 9.68 22.16
C VAL A 173 -7.42 9.26 21.62
N ASN A 174 -6.35 9.80 22.20
CA ASN A 174 -5.03 9.55 21.64
C ASN A 174 -4.68 8.07 21.74
N GLU A 175 -5.11 7.40 22.80
CA GLU A 175 -4.78 5.97 22.90
C GLU A 175 -5.56 5.10 21.90
N VAL A 176 -6.82 5.45 21.61
CA VAL A 176 -7.51 4.74 20.54
C VAL A 176 -6.76 4.91 19.22
N VAL A 177 -6.34 6.15 18.94
CA VAL A 177 -5.71 6.40 17.66
C VAL A 177 -4.39 5.66 17.56
N ILE A 178 -3.60 5.65 18.64
CA ILE A 178 -2.35 4.89 18.67
C ILE A 178 -2.62 3.42 18.35
N LEU A 179 -3.65 2.84 19.02
CA LEU A 179 -3.96 1.41 18.82
C LEU A 179 -4.40 1.12 17.38
N VAL A 180 -5.36 1.88 16.87
CA VAL A 180 -5.82 1.71 15.48
C VAL A 180 -4.64 1.81 14.50
N ASN A 181 -3.80 2.83 14.70
CA ASN A 181 -2.66 3.04 13.82
C ASN A 181 -1.70 1.85 13.86
N ARG A 182 -1.34 1.40 15.06
CA ARG A 182 -0.50 0.22 15.16
C ARG A 182 -1.15 -0.94 14.40
N TYR A 183 -2.45 -1.16 14.65
CA TYR A 183 -3.12 -2.25 13.93
C TYR A 183 -3.04 -2.04 12.43
N PHE A 184 -3.35 -0.84 11.92
CA PHE A 184 -3.28 -0.67 10.45
C PHE A 184 -1.85 -0.82 9.96
N SER A 185 -0.90 -0.29 10.74
CA SER A 185 0.50 -0.37 10.38
C SER A 185 0.96 -1.82 10.22
N ILE A 186 0.62 -2.70 11.19
CA ILE A 186 1.01 -4.13 11.13
C ILE A 186 0.30 -4.85 9.98
N CYS A 187 -0.99 -4.55 9.75
CA CYS A 187 -1.71 -5.17 8.63
C CYS A 187 -1.14 -4.74 7.29
N THR A 188 -0.96 -3.42 7.12
CA THR A 188 -0.52 -2.91 5.82
C THR A 188 0.83 -3.50 5.43
N ARG A 189 1.74 -3.59 6.41
CA ARG A 189 3.09 -4.05 6.11
C ARG A 189 3.08 -5.49 5.63
N ILE A 190 2.32 -6.34 6.30
CA ILE A 190 2.37 -7.75 5.93
C ILE A 190 1.65 -7.98 4.61
N ILE A 191 0.48 -7.35 4.44
CA ILE A 191 -0.22 -7.43 3.15
C ILE A 191 0.72 -6.99 2.04
N SER A 192 1.31 -5.80 2.18
CA SER A 192 2.18 -5.31 1.12
C SER A 192 3.39 -6.20 0.90
N ALA A 193 3.91 -6.85 1.95
CA ALA A 193 5.06 -7.71 1.74
C ALA A 193 4.68 -8.94 0.92
N TYR A 194 3.44 -9.38 0.99
CA TYR A 194 3.05 -10.56 0.25
C TYR A 194 2.45 -10.22 -1.11
N GLY A 195 2.53 -8.98 -1.55
CA GLY A 195 2.05 -8.58 -2.86
C GLY A 195 0.57 -8.22 -2.96
N GLY A 196 -0.15 -8.10 -1.84
CA GLY A 196 -1.50 -7.54 -1.87
C GLY A 196 -1.50 -6.03 -1.81
N GLU A 197 -2.59 -5.40 -2.25
CA GLU A 197 -2.80 -3.96 -2.13
C GLU A 197 -3.91 -3.71 -1.11
N VAL A 198 -3.67 -2.81 -0.17
CA VAL A 198 -4.77 -2.33 0.66
C VAL A 198 -5.72 -1.57 -0.23
N THR A 199 -7.02 -1.85 -0.09
CA THR A 199 -8.04 -1.10 -0.82
C THR A 199 -8.48 0.11 -0.01
N LYS A 200 -8.80 -0.08 1.27
CA LYS A 200 -9.14 1.06 2.13
C LYS A 200 -9.27 0.55 3.57
N PHE A 201 -9.45 1.49 4.47
CA PHE A 201 -9.72 1.29 5.89
C PHE A 201 -11.18 1.64 6.19
N ILE A 202 -11.83 0.81 6.99
CA ILE A 202 -13.21 1.01 7.37
C ILE A 202 -13.28 0.81 8.88
N GLY A 203 -13.15 1.90 9.66
CA GLY A 203 -13.28 1.79 11.10
C GLY A 203 -12.07 1.10 11.70
N ASP A 204 -12.30 -0.06 12.29
CA ASP A 204 -11.24 -0.88 12.85
C ASP A 204 -10.80 -1.98 11.88
N CYS A 205 -10.93 -1.73 10.57
CA CYS A 205 -10.98 -2.78 9.57
C CYS A 205 -10.13 -2.46 8.33
N VAL A 206 -9.37 -3.46 7.86
CA VAL A 206 -8.52 -3.33 6.68
C VAL A 206 -9.15 -4.12 5.56
N MET A 207 -9.32 -3.48 4.41
CA MET A 207 -9.78 -4.16 3.23
C MET A 207 -8.64 -4.22 2.23
N ALA A 208 -8.43 -5.38 1.63
CA ALA A 208 -7.36 -5.50 0.67
C ALA A 208 -7.76 -6.58 -0.32
N SER A 209 -6.94 -6.73 -1.36
CA SER A 209 -7.13 -7.74 -2.38
C SER A 209 -5.80 -8.41 -2.72
N PHE A 210 -5.89 -9.61 -3.28
CA PHE A 210 -4.75 -10.34 -3.83
C PHE A 210 -5.20 -10.92 -5.16
N THR A 211 -4.26 -11.30 -6.03
CA THR A 211 -4.69 -11.95 -7.26
C THR A 211 -5.00 -13.43 -7.00
N LYS A 212 -5.48 -14.11 -8.05
CA LYS A 212 -5.81 -15.52 -7.91
C LYS A 212 -4.56 -16.40 -7.90
N GLU A 213 -3.45 -15.90 -8.42
CA GLU A 213 -2.17 -16.58 -8.28
C GLU A 213 -1.59 -16.44 -6.87
N GLN A 214 -2.22 -15.67 -5.97
CA GLN A 214 -1.64 -15.42 -4.65
C GLN A 214 -2.47 -15.93 -3.48
N GLY A 215 -3.23 -17.03 -3.61
CA GLY A 215 -3.97 -17.58 -2.48
C GLY A 215 -3.09 -17.93 -1.27
N ASP A 216 -2.09 -18.78 -1.48
CA ASP A 216 -1.13 -19.11 -0.44
C ASP A 216 -0.62 -17.88 0.29
N ALA A 217 -0.23 -16.84 -0.48
CA ALA A 217 0.21 -15.58 0.10
C ALA A 217 -0.91 -14.91 0.90
N ALA A 218 -2.18 -15.19 0.56
CA ALA A 218 -3.28 -14.59 1.32
C ALA A 218 -3.45 -15.29 2.65
N ILE A 219 -3.28 -16.61 2.69
CA ILE A 219 -3.36 -17.28 3.99
C ILE A 219 -2.17 -16.91 4.87
N ARG A 220 -0.96 -16.90 4.30
CA ARG A 220 0.23 -16.56 5.09
C ARG A 220 0.14 -15.14 5.67
N THR A 221 -0.30 -14.17 4.86
CA THR A 221 -0.57 -12.82 5.38
C THR A 221 -1.44 -12.93 6.62
N SER A 222 -2.59 -13.59 6.46
CA SER A 222 -3.56 -13.71 7.53
C SER A 222 -2.91 -14.31 8.75
N LEU A 223 -2.22 -15.42 8.55
CA LEU A 223 -1.56 -16.09 9.66
C LEU A 223 -0.47 -15.21 10.24
N ASP A 224 0.30 -14.54 9.39
CA ASP A 224 1.36 -13.66 9.89
C ASP A 224 0.78 -12.58 10.77
N ILE A 225 -0.38 -12.02 10.36
CA ILE A 225 -0.94 -10.91 11.12
C ILE A 225 -1.37 -11.40 12.49
N ILE A 226 -2.06 -12.55 12.51
CA ILE A 226 -2.47 -13.17 13.77
C ILE A 226 -1.24 -13.38 14.63
N SER A 227 -0.15 -13.79 14.00
CA SER A 227 1.06 -14.13 14.75
C SER A 227 1.67 -12.88 15.34
N GLU A 228 1.69 -11.77 14.56
CA GLU A 228 2.40 -10.58 15.04
C GLU A 228 1.65 -9.93 16.20
N LEU A 229 0.32 -10.11 16.22
CA LEU A 229 -0.46 -9.55 17.31
C LEU A 229 -0.34 -10.39 18.58
N LYS A 230 -0.24 -11.71 18.43
CA LYS A 230 -0.03 -12.51 19.63
C LYS A 230 1.33 -12.17 20.24
N GLN A 231 2.37 -11.97 19.40
CA GLN A 231 3.65 -11.48 19.94
C GLN A 231 3.48 -10.13 20.62
N LEU A 232 2.81 -9.19 19.94
CA LEU A 232 2.66 -7.84 20.46
C LEU A 232 2.04 -7.84 21.85
N ARG A 233 0.96 -8.65 22.02
CA ARG A 233 0.22 -8.73 23.29
C ARG A 233 1.10 -9.15 24.47
N HIS A 234 2.09 -10.05 24.28
CA HIS A 234 2.97 -10.32 25.42
C HIS A 234 4.26 -9.50 25.39
N HIS A 235 4.57 -8.79 24.29
CA HIS A 235 5.68 -7.82 24.28
C HIS A 235 5.41 -6.63 25.20
N VAL A 236 4.15 -6.22 25.31
CA VAL A 236 3.79 -4.98 25.98
C VAL A 236 3.36 -5.29 27.40
N GLU A 237 3.32 -4.26 28.24
CA GLU A 237 2.81 -4.44 29.60
C GLU A 237 1.29 -4.63 29.57
N ALA A 238 0.78 -5.27 30.64
CA ALA A 238 -0.64 -5.59 30.74
C ALA A 238 -1.53 -4.36 30.93
N THR A 239 -0.97 -3.18 31.23
CA THR A 239 -1.76 -1.97 31.23
C THR A 239 -1.80 -1.30 29.86
N ASN A 240 -1.09 -1.86 28.90
CA ASN A 240 -1.11 -1.31 27.55
C ASN A 240 -2.35 -1.81 26.82
N PRO A 241 -3.05 -0.96 26.08
CA PRO A 241 -4.16 -1.46 25.26
C PRO A 241 -3.76 -2.53 24.25
N LEU A 242 -2.57 -2.42 23.67
CA LEU A 242 -2.13 -3.46 22.72
C LEU A 242 -2.21 -4.88 23.30
N HIS A 243 -2.24 -5.01 24.65
CA HIS A 243 -2.24 -6.32 25.31
C HIS A 243 -3.52 -7.14 25.02
N LEU A 244 -4.62 -6.51 24.61
CA LEU A 244 -5.83 -7.27 24.25
C LEU A 244 -6.22 -7.07 22.78
N LEU A 245 -5.25 -6.77 21.91
CA LEU A 245 -5.52 -6.59 20.48
C LEU A 245 -5.61 -7.95 19.78
N TYR A 246 -6.83 -8.26 19.28
CA TYR A 246 -7.07 -9.42 18.43
C TYR A 246 -7.78 -8.99 17.17
N THR A 247 -7.75 -9.90 16.19
CA THR A 247 -8.36 -9.72 14.88
C THR A 247 -9.01 -11.00 14.40
N GLY A 248 -9.94 -10.84 13.46
CA GLY A 248 -10.45 -11.98 12.71
C GLY A 248 -10.20 -11.62 11.26
N ILE A 249 -10.17 -12.60 10.35
CA ILE A 249 -9.85 -12.31 8.96
C ILE A 249 -10.77 -13.13 8.08
N GLY A 250 -11.38 -12.47 7.08
CA GLY A 250 -12.22 -13.14 6.09
C GLY A 250 -11.66 -13.01 4.69
N LEU A 251 -11.68 -14.12 3.94
CA LEU A 251 -11.23 -14.14 2.56
C LEU A 251 -12.30 -14.75 1.68
N SER A 252 -12.45 -14.20 0.48
CA SER A 252 -13.37 -14.66 -0.56
C SER A 252 -12.71 -14.46 -1.92
N TYR A 253 -13.29 -15.09 -2.94
CA TYR A 253 -12.78 -15.02 -4.31
C TYR A 253 -13.92 -14.62 -5.25
N GLY A 254 -13.62 -13.81 -6.26
CA GLY A 254 -14.69 -13.52 -7.23
C GLY A 254 -14.33 -12.42 -8.18
N HIS A 255 -15.17 -12.29 -9.22
CA HIS A 255 -15.06 -11.18 -10.16
C HIS A 255 -15.61 -9.93 -9.50
N VAL A 256 -14.79 -8.86 -9.48
CA VAL A 256 -15.21 -7.56 -8.95
C VAL A 256 -14.85 -6.48 -9.97
N ILE A 257 -15.54 -5.35 -9.88
CA ILE A 257 -15.20 -4.21 -10.74
C ILE A 257 -14.16 -3.35 -10.02
N GLU A 258 -13.08 -2.99 -10.74
CA GLU A 258 -12.03 -2.10 -10.23
C GLU A 258 -12.00 -0.85 -11.09
N GLY A 259 -12.11 0.32 -10.44
CA GLY A 259 -12.16 1.52 -11.23
C GLY A 259 -12.41 2.72 -10.36
N ASN A 260 -12.51 3.88 -11.05
CA ASN A 260 -12.83 5.16 -10.43
C ASN A 260 -14.33 5.27 -10.22
N MET A 261 -14.73 5.58 -9.01
CA MET A 261 -16.16 5.70 -8.74
C MET A 261 -16.44 6.99 -7.96
N GLY A 262 -17.36 7.78 -8.48
CA GLY A 262 -17.98 8.85 -7.70
C GLY A 262 -18.41 10.00 -8.58
N SER A 263 -18.88 11.06 -7.90
CA SER A 263 -19.23 12.31 -8.58
C SER A 263 -17.98 13.01 -9.10
N SER A 264 -18.21 14.12 -9.81
CA SER A 264 -17.11 14.94 -10.32
C SER A 264 -16.32 15.58 -9.20
N LEU A 265 -16.99 15.87 -8.06
CA LEU A 265 -16.36 16.42 -6.86
C LEU A 265 -15.31 15.47 -6.27
N LYS A 266 -15.75 14.36 -5.69
CA LYS A 266 -14.84 13.37 -5.13
C LYS A 266 -14.84 12.11 -5.96
N MET A 267 -13.65 11.60 -6.21
CA MET A 267 -13.45 10.33 -6.87
C MET A 267 -12.87 9.38 -5.84
N ASP A 268 -13.18 8.10 -5.98
CA ASP A 268 -12.56 7.02 -5.22
C ASP A 268 -12.21 5.90 -6.19
N HIS A 269 -11.15 5.15 -5.88
CA HIS A 269 -10.71 4.10 -6.80
C HIS A 269 -10.68 2.79 -6.05
N THR A 270 -11.58 1.88 -6.42
CA THR A 270 -11.96 0.82 -5.48
C THR A 270 -12.45 -0.41 -6.23
N LEU A 271 -13.00 -1.35 -5.47
CA LEU A 271 -13.43 -2.65 -5.97
C LEU A 271 -14.87 -2.81 -5.53
N LEU A 272 -15.71 -3.26 -6.46
CA LEU A 272 -17.15 -3.45 -6.26
C LEU A 272 -17.53 -4.85 -6.74
N GLY A 273 -18.26 -5.58 -5.94
CA GLY A 273 -18.73 -6.90 -6.32
C GLY A 273 -19.17 -7.60 -5.06
N ASP A 274 -19.90 -8.71 -5.25
CA ASP A 274 -20.44 -9.50 -4.11
C ASP A 274 -19.35 -10.19 -3.29
N ALA A 275 -18.27 -10.68 -3.92
CA ALA A 275 -17.11 -11.15 -3.15
C ALA A 275 -16.77 -10.20 -2.01
N VAL A 276 -16.95 -8.88 -2.19
CA VAL A 276 -16.59 -7.97 -1.11
C VAL A 276 -17.43 -8.29 0.11
N ASN A 277 -18.74 -8.37 -0.09
CA ASN A 277 -19.63 -8.64 0.99
C ASN A 277 -19.33 -9.97 1.67
N VAL A 278 -18.96 -10.99 0.87
CA VAL A 278 -18.71 -12.34 1.39
C VAL A 278 -17.49 -12.38 2.30
N ALA A 279 -16.42 -11.67 1.93
CA ALA A 279 -15.21 -11.62 2.77
C ALA A 279 -15.50 -10.94 4.10
N ALA A 280 -16.22 -9.81 4.06
CA ALA A 280 -16.67 -9.15 5.29
C ALA A 280 -17.41 -10.11 6.21
N ARG A 281 -18.36 -10.87 5.67
CA ARG A 281 -19.11 -11.78 6.55
C ARG A 281 -18.27 -12.94 7.05
N LEU A 282 -17.37 -13.52 6.22
CA LEU A 282 -16.57 -14.61 6.76
C LEU A 282 -15.71 -14.08 7.88
N GLU A 283 -15.24 -12.84 7.73
CA GLU A 283 -14.49 -12.20 8.79
C GLU A 283 -15.33 -12.13 10.06
N ALA A 284 -16.52 -11.51 9.97
CA ALA A 284 -17.43 -11.40 11.09
C ALA A 284 -17.78 -12.76 11.66
N LEU A 285 -17.78 -13.77 10.79
CA LEU A 285 -18.13 -15.12 11.19
C LEU A 285 -17.05 -15.79 12.05
N THR A 286 -15.77 -15.35 11.94
CA THR A 286 -14.73 -15.93 12.80
C THR A 286 -15.05 -15.74 14.28
N ARG A 287 -15.62 -14.59 14.64
CA ARG A 287 -16.04 -14.25 16.00
C ARG A 287 -16.67 -15.45 16.73
N GLN A 288 -17.44 -16.26 16.01
CA GLN A 288 -18.19 -17.39 16.54
C GLN A 288 -17.54 -18.72 16.16
N LEU A 289 -16.34 -18.69 15.59
CA LEU A 289 -15.63 -19.87 15.17
C LEU A 289 -14.44 -20.13 16.07
N PRO A 290 -13.95 -21.32 16.09
CA PRO A 290 -12.74 -21.60 16.87
C PRO A 290 -11.51 -21.32 16.03
N TYR A 291 -11.69 -20.56 14.96
CA TYR A 291 -10.61 -20.16 14.07
C TYR A 291 -10.70 -18.67 13.83
N ALA A 292 -9.55 -18.06 13.46
CA ALA A 292 -9.41 -16.61 13.30
C ALA A 292 -9.40 -16.18 11.82
N LEU A 293 -9.33 -17.16 10.93
CA LEU A 293 -9.29 -17.02 9.48
C LEU A 293 -10.42 -17.87 8.93
N ALA A 294 -11.20 -17.33 7.99
CA ALA A 294 -12.29 -18.08 7.33
C ALA A 294 -12.33 -17.70 5.86
N PHE A 295 -12.57 -18.68 4.99
CA PHE A 295 -12.50 -18.38 3.58
C PHE A 295 -13.39 -19.34 2.82
N THR A 296 -13.59 -19.05 1.54
CA THR A 296 -14.55 -19.80 0.74
C THR A 296 -13.78 -20.85 -0.05
N ALA A 297 -14.52 -21.74 -0.69
CA ALA A 297 -13.92 -22.70 -1.61
C ALA A 297 -13.12 -22.02 -2.71
N GLY A 298 -13.62 -20.89 -3.22
CA GLY A 298 -12.90 -20.21 -4.30
C GLY A 298 -11.50 -19.82 -3.87
N VAL A 299 -11.34 -19.42 -2.61
CA VAL A 299 -10.02 -19.08 -2.11
C VAL A 299 -9.17 -20.35 -2.01
N LYS A 300 -9.79 -21.44 -1.53
CA LYS A 300 -9.12 -22.72 -1.39
C LYS A 300 -8.48 -23.17 -2.70
N LYS A 301 -9.18 -23.02 -3.82
CA LYS A 301 -8.66 -23.42 -5.12
C LYS A 301 -7.58 -22.49 -5.67
N CYS A 302 -7.37 -21.30 -5.08
CA CYS A 302 -6.25 -20.45 -5.48
C CYS A 302 -4.95 -20.82 -4.76
N CYS A 303 -4.96 -21.85 -3.92
CA CYS A 303 -3.85 -22.22 -3.07
C CYS A 303 -3.20 -23.46 -3.64
N GLN A 304 -1.89 -23.53 -3.53
CA GLN A 304 -1.17 -24.69 -4.01
C GLN A 304 -0.37 -25.39 -2.95
N ALA A 305 -0.24 -24.82 -1.76
CA ALA A 305 0.56 -25.46 -0.71
C ALA A 305 -0.30 -26.49 0.02
N GLN A 306 0.38 -27.44 0.65
CA GLN A 306 -0.34 -28.51 1.33
C GLN A 306 -0.90 -28.07 2.67
N TRP A 307 -1.58 -26.92 2.68
CA TRP A 307 -2.43 -26.56 3.82
C TRP A 307 -3.28 -27.75 4.27
N THR A 308 -3.53 -27.82 5.58
CA THR A 308 -4.57 -28.69 6.12
C THR A 308 -5.86 -27.88 6.15
N PHE A 309 -6.69 -28.07 5.14
CA PHE A 309 -7.94 -27.33 5.05
C PHE A 309 -9.01 -27.99 5.93
N ILE A 310 -9.63 -27.21 6.81
CA ILE A 310 -10.71 -27.71 7.66
C ILE A 310 -12.01 -27.11 7.14
N ASN A 311 -12.96 -28.00 6.86
CA ASN A 311 -14.30 -27.61 6.41
C ASN A 311 -15.16 -27.27 7.61
N LEU A 312 -15.64 -26.03 7.66
CA LEU A 312 -16.44 -25.51 8.75
C LEU A 312 -17.93 -25.48 8.45
N GLY A 313 -18.39 -26.29 7.51
CA GLY A 313 -19.81 -26.33 7.21
C GLY A 313 -20.25 -25.21 6.27
N ALA A 314 -21.53 -25.24 5.96
CA ALA A 314 -22.20 -24.25 5.13
C ALA A 314 -22.84 -23.16 5.98
N HIS A 315 -22.67 -21.89 5.55
CA HIS A 315 -23.17 -20.71 6.26
C HIS A 315 -23.87 -19.75 5.31
N GLN A 316 -24.81 -18.98 5.84
CA GLN A 316 -25.62 -18.03 5.08
C GLN A 316 -25.05 -16.61 5.09
N VAL A 317 -25.36 -15.87 4.02
CA VAL A 317 -25.00 -14.44 3.91
C VAL A 317 -26.23 -13.58 3.47
N GLU A 322 -28.88 -18.61 0.07
CA GLU A 322 -27.97 -19.64 -0.46
C GLU A 322 -26.65 -19.76 0.34
N ALA A 323 -26.60 -20.77 1.24
CA ALA A 323 -25.47 -20.89 2.16
C ALA A 323 -24.26 -21.51 1.48
N ILE A 324 -23.06 -20.98 1.81
CA ILE A 324 -21.83 -21.38 1.14
C ILE A 324 -20.96 -22.19 2.10
N GLU A 325 -20.20 -23.12 1.53
CA GLU A 325 -19.15 -23.78 2.29
C GLU A 325 -18.12 -22.78 2.78
N VAL A 326 -17.62 -22.97 4.01
CA VAL A 326 -16.53 -22.21 4.61
C VAL A 326 -15.40 -23.14 5.04
N TYR A 327 -14.18 -22.66 4.91
CA TYR A 327 -12.96 -23.42 5.16
C TYR A 327 -12.03 -22.58 6.00
N THR A 328 -11.03 -23.25 6.60
CA THR A 328 -9.91 -22.58 7.23
C THR A 328 -8.72 -23.51 7.14
N VAL A 329 -7.62 -23.09 7.74
CA VAL A 329 -6.40 -23.90 7.89
C VAL A 329 -6.20 -24.17 9.37
N ASN A 330 -5.72 -25.39 9.66
CA ASN A 330 -5.41 -25.79 11.04
C ASN A 330 -4.60 -24.75 11.77
N GLU A 331 -3.61 -24.14 11.09
CA GLU A 331 -2.76 -23.15 11.74
C GLU A 331 -3.52 -21.93 12.27
N ALA A 332 -4.80 -21.73 11.89
CA ALA A 332 -5.55 -20.57 12.32
C ALA A 332 -6.44 -20.85 13.54
N GLN A 333 -6.25 -22.00 14.20
CA GLN A 333 -6.99 -22.33 15.43
C GLN A 333 -6.64 -21.33 16.51
N LYS A 334 -7.65 -20.87 17.24
CA LYS A 334 -7.40 -19.90 18.30
C LYS A 334 -7.02 -20.60 19.60
N TYR A 335 -5.99 -20.07 20.26
CA TYR A 335 -5.60 -20.50 21.61
C TYR A 335 -6.50 -19.90 22.70
N TYR A 336 -7.69 -19.46 22.34
CA TYR A 336 -8.58 -18.74 23.24
C TYR A 336 -10.01 -18.92 22.80
N ASP A 337 -10.90 -18.38 23.61
CA ASP A 337 -12.34 -18.53 23.47
C ASP A 337 -12.96 -17.15 23.37
N THR A 338 -13.71 -16.92 22.31
CA THR A 338 -13.93 -15.55 21.91
C THR A 338 -14.84 -14.79 22.88
N LEU A 339 -15.78 -15.48 23.54
CA LEU A 339 -16.51 -14.81 24.62
C LEU A 339 -15.57 -14.45 25.77
N GLN A 340 -14.66 -15.35 26.14
CA GLN A 340 -13.81 -15.07 27.29
C GLN A 340 -12.93 -13.86 27.03
N ILE A 341 -12.46 -13.73 25.79
CA ILE A 341 -11.59 -12.61 25.48
C ILE A 341 -12.33 -11.31 25.70
N THR A 342 -13.61 -11.25 25.33
CA THR A 342 -14.22 -9.92 25.43
C THR A 342 -14.62 -9.58 26.86
N GLN A 343 -15.03 -10.53 27.72
CA GLN A 343 -15.19 -10.11 29.10
C GLN A 343 -13.85 -9.75 29.70
N LEU A 344 -12.79 -10.53 29.40
CA LEU A 344 -11.46 -10.10 29.82
C LEU A 344 -11.23 -8.64 29.40
N ILE A 345 -11.67 -8.27 28.18
CA ILE A 345 -11.57 -6.89 27.70
C ILE A 345 -12.44 -5.94 28.53
N ARG A 346 -13.67 -6.33 28.89
CA ARG A 346 -14.46 -5.43 29.74
C ARG A 346 -13.92 -5.37 31.16
N GLN A 347 -13.38 -6.47 31.71
CA GLN A 347 -12.84 -6.42 33.08
C GLN A 347 -11.60 -5.53 33.18
N THR A 348 -10.86 -5.36 32.08
CA THR A 348 -9.55 -4.70 32.17
C THR A 348 -9.68 -3.21 32.49
N LEU A 349 -10.79 -2.59 32.11
CA LEU A 349 -10.98 -1.15 32.25
C LEU A 349 -12.30 -0.90 32.97
N GLU A 350 -12.25 -0.81 34.29
CA GLU A 350 -13.40 -0.49 35.13
C GLU A 350 -13.11 0.73 36.03
#